data_4OGA
#
_entry.id   4OGA
#
_cell.length_a   169.040
_cell.length_b   169.040
_cell.length_c   169.040
_cell.angle_alpha   90.00
_cell.angle_beta   90.00
_cell.angle_gamma   90.00
#
_symmetry.space_group_name_H-M   'P 2 3'
#
loop_
_entity.id
_entity.type
_entity.pdbx_description
1 polymer 'Insulin A chain'
2 polymer 'Insulin B chain'
3 polymer 'monoclonal antibody fab 83-7 fragment - heavy chain'
4 polymer 'monoclonal antibody fab 83-7 fragment - light chain'
5 polymer 'Insulin receptor domains L1-CR'
6 polymer 'Insulin receptor alpha-CT peptide'
7 branched alpha-D-mannopyranose-(1-3)-beta-D-mannopyranose-(1-4)-2-acetamido-2-deoxy-beta-D-glucopyranose-(1-4)-2-acetamido-2-deoxy-beta-D-glucopyranose
8 branched beta-D-mannopyranose-(1-4)-2-acetamido-2-deoxy-beta-D-glucopyranose-(1-4)-[alpha-L-fucopyranose-(1-6)]2-acetamido-2-deoxy-beta-D-glucopyranose
9 non-polymer 2-acetamido-2-deoxy-beta-D-glucopyranose
#
loop_
_entity_poly.entity_id
_entity_poly.type
_entity_poly.pdbx_seq_one_letter_code
_entity_poly.pdbx_strand_id
1 'polypeptide(L)' GIVEQCCTSICSLYQLENYCN A
2 'polypeptide(L)' FVNQHLCGSHLVEALYLVCGERGFFYTPKT B
3 'polypeptide(L)'
;QVQLKESGPGLVAPSQSLSITCTVSGFPLTAYGVNWVRQPPGKGLEWLGMIWGDGNTDYNSALKSRLSISKDNSKSQVFL
KMNSLQTDDTARYYCARDPYGSKPMDYWGQGTSVTVSS
;
C
4 'polypeptide(L)'
;DIVMSQSPSSLVVSVGEKVTMSCKSSQSLLYSSNQKNFLAWYQQKPGQSPKLLIYWASTRESGVPDRFTGSGSGTDFTLT
ISSVKAEDLAVYYCQQYFRYRTFGGGTKLEIKRA
;
D
5 'polypeptide(L)'
;HLYPGEVCPGMDIRNNLTRLHELENCSVIEGHLQILLMFKTRPEDFRDLSFPKLIMITDYLLLFRVYGLESLKDLFPNLT
VIRGSRLFFNYALVIFEMVHLKELGLYNLMNITRGSVRIEKNNELCYLATIDWSRILDSVEDNHIVLNKDDNEECGDICP
GTAKGKTNCPATVINGQFVERCWTHSHCQKVCPTICKSHGCTAEGLCCHSECLGNCSQPDDPTKCVACRNFYLDGRCVET
CPPPYYHFQDWRCVNFSFCQDLHHKCKNSRRQGCHQYVIHNNKCIPECPSGYTMNSSNLLCTPCLGPCPKSSSLVPR
;
E
6 'polypeptide(L)' TFEDYLHNVVFVPRPS F
#
# COMPACT_ATOMS: atom_id res chain seq x y z
N GLY A 1 -33.88 -11.29 13.45
CA GLY A 1 -33.39 -11.80 12.17
C GLY A 1 -34.38 -12.69 11.46
N ILE A 2 -34.27 -12.78 10.12
CA ILE A 2 -35.16 -13.60 9.29
C ILE A 2 -35.05 -15.08 9.59
N VAL A 3 -33.83 -15.54 9.90
CA VAL A 3 -33.51 -16.91 10.29
C VAL A 3 -34.30 -17.20 11.51
N GLU A 4 -34.15 -16.33 12.50
CA GLU A 4 -34.81 -16.39 13.78
C GLU A 4 -36.31 -16.14 13.65
N GLN A 5 -36.76 -15.40 12.62
CA GLN A 5 -38.18 -15.10 12.42
C GLN A 5 -38.95 -16.21 11.69
N CYS A 6 -38.28 -16.98 10.82
CA CYS A 6 -38.95 -18.01 10.01
C CYS A 6 -38.33 -19.43 9.98
N CYS A 7 -37.09 -19.62 10.51
CA CYS A 7 -36.48 -20.95 10.61
C CYS A 7 -36.53 -21.48 12.03
N THR A 8 -35.76 -20.88 12.99
CA THR A 8 -35.87 -21.25 14.43
C THR A 8 -37.28 -20.82 14.97
N SER A 9 -38.18 -20.43 14.02
CA SER A 9 -39.56 -19.98 14.18
C SER A 9 -40.40 -20.35 12.91
N ILE A 10 -41.61 -19.70 12.73
CA ILE A 10 -42.58 -19.81 11.61
C ILE A 10 -43.09 -18.37 11.25
N CYS A 11 -43.02 -18.03 9.95
CA CYS A 11 -43.32 -16.72 9.40
C CYS A 11 -44.72 -16.53 8.92
N SER A 12 -45.42 -15.51 9.48
CA SER A 12 -46.77 -15.10 9.03
C SER A 12 -46.50 -14.40 7.68
N LEU A 13 -47.36 -14.60 6.66
CA LEU A 13 -47.07 -13.98 5.36
C LEU A 13 -46.89 -12.46 5.39
N TYR A 14 -47.27 -11.81 6.50
CA TYR A 14 -46.91 -10.41 6.63
C TYR A 14 -45.48 -10.34 7.15
N GLN A 15 -45.17 -10.98 8.32
CA GLN A 15 -43.82 -10.99 8.91
C GLN A 15 -42.80 -11.05 7.77
N LEU A 16 -43.05 -11.99 6.84
CA LEU A 16 -42.29 -12.28 5.63
C LEU A 16 -42.34 -11.15 4.58
N GLU A 17 -43.33 -10.23 4.64
CA GLU A 17 -43.38 -9.11 3.72
C GLU A 17 -42.24 -8.20 4.12
N ASN A 18 -42.40 -7.44 5.23
CA ASN A 18 -41.45 -6.50 5.82
C ASN A 18 -40.28 -6.05 4.90
N TYR A 19 -39.31 -6.99 4.62
CA TYR A 19 -38.04 -6.96 3.86
C TYR A 19 -38.11 -6.54 2.39
N CYS A 20 -39.29 -6.15 1.88
CA CYS A 20 -39.49 -5.75 0.50
C CYS A 20 -39.47 -4.19 0.28
N ASN A 21 -39.66 -3.72 -0.98
CA ASN A 21 -39.71 -2.31 -1.46
C ASN A 21 -38.34 -1.74 -1.72
N CYS B 7 -37.06 -24.45 6.13
CA CYS B 7 -37.23 -23.11 5.58
C CYS B 7 -36.00 -22.61 4.76
N GLY B 8 -34.79 -23.12 5.10
CA GLY B 8 -33.47 -22.84 4.53
C GLY B 8 -33.36 -21.99 3.28
N SER B 9 -33.16 -22.66 2.12
CA SER B 9 -33.04 -22.04 0.79
C SER B 9 -34.40 -21.51 0.31
N HIS B 10 -35.46 -22.21 0.75
CA HIS B 10 -36.89 -21.99 0.48
C HIS B 10 -37.33 -20.60 0.93
N LEU B 11 -36.68 -20.07 1.97
CA LEU B 11 -36.94 -18.75 2.54
C LEU B 11 -36.61 -17.70 1.50
N VAL B 12 -35.50 -17.90 0.76
CA VAL B 12 -35.10 -16.97 -0.29
C VAL B 12 -36.19 -17.02 -1.34
N GLU B 13 -36.66 -18.22 -1.65
CA GLU B 13 -37.72 -18.43 -2.63
C GLU B 13 -39.06 -17.89 -2.13
N ALA B 14 -39.41 -18.16 -0.84
CA ALA B 14 -40.64 -17.70 -0.16
C ALA B 14 -40.70 -16.18 -0.19
N LEU B 15 -39.53 -15.53 0.03
CA LEU B 15 -39.40 -14.08 -0.02
C LEU B 15 -39.66 -13.53 -1.40
N TYR B 16 -39.18 -14.24 -2.43
CA TYR B 16 -39.45 -13.80 -3.78
C TYR B 16 -40.91 -13.87 -4.09
N LEU B 17 -41.61 -14.95 -3.68
CA LEU B 17 -43.06 -15.10 -3.87
C LEU B 17 -43.75 -13.78 -3.44
N VAL B 18 -43.37 -13.30 -2.24
CA VAL B 18 -43.83 -12.10 -1.54
C VAL B 18 -43.48 -10.72 -2.18
N CYS B 19 -42.18 -10.38 -2.33
CA CYS B 19 -41.78 -9.08 -2.89
C CYS B 19 -42.20 -8.95 -4.35
N GLY B 20 -41.59 -9.79 -5.19
CA GLY B 20 -41.86 -9.84 -6.61
C GLY B 20 -41.37 -8.59 -7.29
N GLU B 21 -42.28 -7.95 -8.05
CA GLU B 21 -42.06 -6.70 -8.77
C GLU B 21 -41.48 -5.57 -7.88
N ARG B 22 -42.03 -5.39 -6.66
CA ARG B 22 -41.66 -4.39 -5.66
C ARG B 22 -40.15 -4.38 -5.22
N GLY B 23 -39.48 -5.53 -5.36
CA GLY B 23 -38.07 -5.70 -5.02
C GLY B 23 -37.83 -5.86 -3.53
N PHE B 24 -36.54 -6.18 -3.16
CA PHE B 24 -36.07 -6.38 -1.78
C PHE B 24 -35.67 -5.06 -1.07
N PHE B 25 -35.16 -5.14 0.18
CA PHE B 25 -34.77 -3.93 0.90
C PHE B 25 -33.33 -3.91 1.41
N TYR B 26 -32.72 -2.71 1.44
CA TYR B 26 -31.34 -2.43 1.86
C TYR B 26 -31.15 -0.92 2.22
N THR B 27 -30.14 -0.61 3.09
CA THR B 27 -29.67 0.74 3.47
C THR B 27 -28.15 0.77 3.71
N GLN C 1 17.16 3.80 -14.10
CA GLN C 1 18.18 4.71 -14.63
C GLN C 1 18.10 6.01 -13.85
N VAL C 2 17.95 5.96 -12.49
CA VAL C 2 17.75 7.15 -11.64
C VAL C 2 18.95 8.11 -11.66
N GLN C 3 18.70 9.35 -12.08
CA GLN C 3 19.73 10.40 -12.15
C GLN C 3 19.20 11.74 -11.72
N LEU C 4 20.08 12.51 -11.09
CA LEU C 4 19.76 13.85 -10.61
C LEU C 4 21.01 14.66 -10.86
N LYS C 5 20.82 15.89 -11.34
CA LYS C 5 21.94 16.79 -11.65
C LYS C 5 21.55 18.22 -11.34
N GLU C 6 22.43 18.93 -10.66
CA GLU C 6 22.21 20.32 -10.28
C GLU C 6 22.86 21.25 -11.32
N SER C 7 22.18 22.35 -11.66
CA SER C 7 22.71 23.40 -12.56
C SER C 7 22.69 24.65 -11.69
N GLY C 8 23.85 25.04 -11.20
CA GLY C 8 23.99 26.19 -10.32
C GLY C 8 24.70 27.34 -11.01
N PRO C 9 24.76 28.51 -10.35
CA PRO C 9 25.41 29.66 -10.98
C PRO C 9 26.91 29.73 -10.71
N GLY C 10 27.40 28.86 -9.82
CA GLY C 10 28.81 28.84 -9.43
C GLY C 10 29.19 29.93 -8.45
N LEU C 11 28.86 31.20 -8.78
CA LEU C 11 29.19 32.37 -7.95
C LEU C 11 27.97 33.19 -7.60
N VAL C 12 27.93 33.66 -6.36
CA VAL C 12 26.85 34.51 -5.85
C VAL C 12 27.52 35.65 -5.10
N ALA C 13 27.17 36.91 -5.43
CA ALA C 13 27.68 38.09 -4.74
C ALA C 13 26.95 38.20 -3.41
N PRO C 14 27.65 38.61 -2.33
CA PRO C 14 26.97 38.72 -1.03
C PRO C 14 25.71 39.57 -1.17
N SER C 15 24.63 39.14 -0.50
CA SER C 15 23.30 39.77 -0.51
C SER C 15 22.43 39.43 -1.70
N GLN C 16 22.99 38.69 -2.67
CA GLN C 16 22.21 38.25 -3.82
C GLN C 16 21.58 36.87 -3.54
N SER C 17 20.68 36.46 -4.43
CA SER C 17 20.01 35.18 -4.31
C SER C 17 20.72 34.06 -5.06
N LEU C 18 20.48 32.81 -4.62
CA LEU C 18 21.01 31.60 -5.21
C LEU C 18 19.86 30.85 -5.87
N SER C 19 20.01 30.52 -7.14
CA SER C 19 19.01 29.75 -7.86
C SER C 19 19.67 28.50 -8.41
N ILE C 20 19.10 27.32 -8.14
CA ILE C 20 19.65 26.08 -8.68
C ILE C 20 18.54 25.25 -9.26
N THR C 21 18.77 24.67 -10.43
CA THR C 21 17.79 23.77 -11.00
C THR C 21 18.32 22.34 -10.88
N CYS C 22 17.49 21.45 -10.37
CA CYS C 22 17.86 20.05 -10.31
C CYS C 22 17.06 19.39 -11.42
N THR C 23 17.74 18.77 -12.39
CA THR C 23 17.05 18.08 -13.47
C THR C 23 17.12 16.60 -13.13
N VAL C 24 15.98 15.92 -13.11
CA VAL C 24 16.02 14.50 -12.77
C VAL C 24 15.57 13.63 -13.94
N SER C 25 15.97 12.36 -13.92
CA SER C 25 15.50 11.41 -14.93
C SER C 25 15.43 10.02 -14.35
N GLY C 26 14.60 9.17 -14.95
CA GLY C 26 14.43 7.79 -14.54
C GLY C 26 13.37 7.55 -13.49
N PHE C 27 12.64 8.59 -13.13
CA PHE C 27 11.55 8.49 -12.18
C PHE C 27 10.68 9.71 -12.32
N PRO C 28 9.42 9.62 -11.81
CA PRO C 28 8.52 10.78 -11.89
C PRO C 28 8.50 11.57 -10.59
N LEU C 29 8.60 12.89 -10.69
CA LEU C 29 8.58 13.78 -9.51
C LEU C 29 7.21 13.72 -8.82
N THR C 30 6.21 13.15 -9.49
CA THR C 30 4.89 13.04 -8.88
C THR C 30 4.91 11.96 -7.77
N ALA C 31 5.78 10.94 -7.90
CA ALA C 31 5.85 9.78 -6.97
C ALA C 31 7.00 9.77 -5.99
N TYR C 32 7.89 10.77 -6.05
CA TYR C 32 9.07 10.80 -5.18
C TYR C 32 9.31 12.18 -4.66
N GLY C 33 10.05 12.28 -3.58
CA GLY C 33 10.38 13.60 -3.06
C GLY C 33 11.76 13.96 -3.52
N VAL C 34 12.13 15.24 -3.44
CA VAL C 34 13.48 15.67 -3.77
C VAL C 34 13.93 16.62 -2.68
N ASN C 35 15.07 16.30 -2.07
CA ASN C 35 15.64 17.11 -1.01
C ASN C 35 16.87 17.88 -1.46
N TRP C 36 17.25 18.87 -0.66
CA TRP C 36 18.45 19.62 -0.90
C TRP C 36 19.24 19.57 0.34
N VAL C 37 20.51 19.28 0.17
CA VAL C 37 21.50 19.12 1.22
C VAL C 37 22.73 19.96 0.82
N ARG C 38 23.40 20.61 1.77
CA ARG C 38 24.63 21.33 1.44
C ARG C 38 25.79 20.90 2.32
N GLN C 39 27.00 21.07 1.79
CA GLN C 39 28.21 20.70 2.51
C GLN C 39 29.27 21.79 2.38
N PRO C 40 29.54 22.58 3.44
CA PRO C 40 30.60 23.57 3.33
C PRO C 40 31.92 22.82 3.14
N PRO C 41 32.89 23.41 2.41
CA PRO C 41 34.17 22.73 2.18
C PRO C 41 34.78 22.10 3.44
N GLY C 42 35.02 20.79 3.36
CA GLY C 42 35.57 19.98 4.46
C GLY C 42 34.71 19.89 5.70
N LYS C 43 33.43 20.21 5.59
CA LYS C 43 32.54 20.12 6.75
C LYS C 43 31.45 19.12 6.50
N GLY C 44 30.55 18.96 7.46
CA GLY C 44 29.49 17.97 7.36
C GLY C 44 28.32 18.27 6.43
N LEU C 45 27.22 17.49 6.57
CA LEU C 45 26.02 17.66 5.78
C LEU C 45 24.96 18.38 6.53
N GLU C 46 24.28 19.27 5.83
CA GLU C 46 23.19 20.03 6.42
C GLU C 46 21.97 19.83 5.55
N TRP C 47 20.89 19.30 6.13
CA TRP C 47 19.68 19.13 5.36
C TRP C 47 18.97 20.46 5.27
N LEU C 48 18.62 20.87 4.05
CA LEU C 48 18.00 22.18 3.83
C LEU C 48 16.46 22.19 3.74
N GLY C 49 15.91 21.22 3.03
CA GLY C 49 14.47 21.14 2.83
C GLY C 49 14.15 20.09 1.79
N MET C 50 12.86 19.84 1.55
CA MET C 50 12.43 18.88 0.52
C MET C 50 11.07 19.22 -0.04
N ILE C 51 10.78 18.66 -1.21
CA ILE C 51 9.49 18.83 -1.85
C ILE C 51 8.90 17.43 -2.11
N TRP C 52 7.71 17.21 -1.54
CA TRP C 52 7.01 15.94 -1.66
C TRP C 52 6.36 15.81 -3.03
N GLY C 53 5.91 14.60 -3.35
CA GLY C 53 5.25 14.34 -4.61
C GLY C 53 4.12 15.30 -4.90
N ASP C 54 3.33 15.62 -3.87
CA ASP C 54 2.18 16.51 -4.00
C ASP C 54 2.52 18.03 -4.06
N GLY C 55 3.81 18.37 -4.02
CA GLY C 55 4.24 19.75 -4.06
C GLY C 55 4.33 20.45 -2.71
N ASN C 56 3.90 19.78 -1.63
CA ASN C 56 4.00 20.33 -0.28
C ASN C 56 5.48 20.29 0.07
N THR C 57 5.93 21.24 0.90
CA THR C 57 7.34 21.34 1.26
C THR C 57 7.60 21.35 2.74
N ASP C 58 8.84 21.00 3.09
CA ASP C 58 9.36 21.06 4.44
C ASP C 58 10.69 21.83 4.37
N TYR C 59 10.87 22.86 5.22
CA TYR C 59 12.11 23.63 5.22
C TYR C 59 12.78 23.59 6.56
N ASN C 60 14.11 23.62 6.56
CA ASN C 60 14.92 23.66 7.78
C ASN C 60 14.76 25.06 8.34
N SER C 61 14.22 25.19 9.56
CA SER C 61 14.01 26.51 10.14
C SER C 61 15.30 27.31 10.33
N ALA C 62 16.47 26.64 10.36
CA ALA C 62 17.73 27.35 10.50
C ALA C 62 17.99 28.27 9.32
N LEU C 63 17.31 28.05 8.18
CA LEU C 63 17.49 28.88 6.99
C LEU C 63 16.71 30.16 7.04
N LYS C 64 15.96 30.37 8.15
CA LYS C 64 15.16 31.57 8.42
C LYS C 64 14.23 31.86 7.25
N SER C 65 13.66 30.75 6.71
CA SER C 65 12.87 30.61 5.50
C SER C 65 13.18 31.63 4.39
N ARG C 66 14.51 31.70 4.13
CA ARG C 66 15.15 32.39 3.02
C ARG C 66 15.01 31.42 1.82
N LEU C 67 14.61 30.16 2.10
CA LEU C 67 14.51 29.09 1.13
C LEU C 67 13.12 28.80 0.51
N SER C 68 13.13 28.60 -0.82
CA SER C 68 11.97 28.22 -1.61
C SER C 68 12.30 27.01 -2.49
N ILE C 69 11.46 25.96 -2.42
CA ILE C 69 11.62 24.79 -3.28
C ILE C 69 10.33 24.64 -4.06
N SER C 70 10.41 24.68 -5.39
CA SER C 70 9.26 24.50 -6.27
C SER C 70 9.66 23.49 -7.32
N LYS C 71 8.74 23.08 -8.17
CA LYS C 71 9.08 22.11 -9.20
C LYS C 71 8.14 22.17 -10.37
N ASP C 72 8.52 21.51 -11.45
CA ASP C 72 7.69 21.40 -12.63
C ASP C 72 7.70 19.93 -12.96
N ASN C 73 6.61 19.21 -12.60
CA ASN C 73 6.52 17.77 -12.83
C ASN C 73 6.75 17.39 -14.28
N SER C 74 6.12 18.11 -15.22
CA SER C 74 6.24 17.77 -16.63
C SER C 74 7.65 17.94 -17.22
N LYS C 75 8.46 18.82 -16.61
CA LYS C 75 9.82 19.05 -17.09
C LYS C 75 10.87 18.37 -16.26
N SER C 76 10.43 17.53 -15.27
CA SER C 76 11.32 16.80 -14.37
C SER C 76 12.36 17.74 -13.75
N GLN C 77 11.91 18.91 -13.32
CA GLN C 77 12.82 19.88 -12.75
C GLN C 77 12.35 20.33 -11.39
N VAL C 78 13.30 20.53 -10.48
CA VAL C 78 13.08 20.99 -9.12
C VAL C 78 13.88 22.27 -8.92
N PHE C 79 13.24 23.31 -8.42
CA PHE C 79 13.92 24.58 -8.26
C PHE C 79 14.17 25.02 -6.84
N LEU C 80 15.45 25.24 -6.50
CA LEU C 80 15.85 25.79 -5.21
C LEU C 80 16.09 27.30 -5.42
N LYS C 81 15.62 28.13 -4.51
CA LYS C 81 15.95 29.55 -4.54
C LYS C 81 16.24 29.97 -3.13
N MET C 82 17.37 30.63 -2.88
CA MET C 82 17.66 31.11 -1.53
C MET C 82 17.99 32.62 -1.53
N ASN C 83 17.30 33.42 -0.69
CA ASN C 83 17.52 34.86 -0.59
C ASN C 83 18.81 35.18 0.15
N SER C 84 19.38 36.36 -0.15
CA SER C 84 20.53 37.04 0.45
C SER C 84 21.61 36.14 1.05
N LEU C 85 22.41 35.58 0.17
CA LEU C 85 23.51 34.74 0.58
C LEU C 85 24.61 35.56 1.20
N GLN C 86 25.30 34.95 2.14
CA GLN C 86 26.45 35.55 2.78
C GLN C 86 27.58 34.55 2.62
N THR C 87 28.80 34.96 2.96
CA THR C 87 30.00 34.13 2.83
C THR C 87 29.81 32.71 3.42
N ASP C 88 29.12 32.59 4.57
CA ASP C 88 28.88 31.30 5.22
C ASP C 88 27.90 30.35 4.48
N ASP C 89 27.34 30.80 3.34
CA ASP C 89 26.46 29.99 2.51
C ASP C 89 27.28 29.34 1.39
N THR C 90 28.62 29.56 1.43
CA THR C 90 29.57 28.93 0.49
C THR C 90 29.58 27.42 0.82
N ALA C 91 29.19 26.59 -0.16
CA ALA C 91 29.08 25.15 0.06
C ALA C 91 28.77 24.44 -1.24
N ARG C 92 28.84 23.11 -1.21
CA ARG C 92 28.43 22.29 -2.35
C ARG C 92 26.98 21.96 -2.01
N TYR C 93 26.08 22.20 -2.97
CA TYR C 93 24.65 21.98 -2.85
C TYR C 93 24.23 20.75 -3.66
N TYR C 94 23.56 19.78 -3.03
CA TYR C 94 23.09 18.55 -3.70
C TYR C 94 21.58 18.44 -3.71
N CYS C 95 21.01 17.91 -4.78
CA CYS C 95 19.59 17.54 -4.77
C CYS C 95 19.62 16.02 -4.68
N ALA C 96 18.79 15.46 -3.84
CA ALA C 96 18.79 14.02 -3.58
C ALA C 96 17.40 13.56 -3.59
N ARG C 97 17.17 12.37 -4.14
CA ARG C 97 15.81 11.83 -4.17
C ARG C 97 15.49 11.15 -2.85
N ASP C 98 14.23 11.11 -2.48
CA ASP C 98 13.85 10.34 -1.34
C ASP C 98 12.52 9.68 -1.70
N PRO C 99 12.51 8.34 -1.58
CA PRO C 99 11.28 7.57 -1.83
C PRO C 99 10.44 7.42 -0.56
N TYR C 100 10.14 8.56 0.05
CA TYR C 100 9.42 8.74 1.31
C TYR C 100 8.83 7.56 2.12
N GLY C 101 7.75 6.97 1.71
CA GLY C 101 7.19 5.91 2.55
C GLY C 101 7.94 4.60 2.57
N SER C 102 8.94 4.48 1.68
CA SER C 102 9.71 3.24 1.53
C SER C 102 11.15 3.40 1.89
N LYS C 103 11.84 4.44 1.38
CA LYS C 103 13.24 4.61 1.71
C LYS C 103 13.68 6.04 2.02
N PRO C 104 14.85 6.17 2.64
CA PRO C 104 15.46 7.49 2.82
C PRO C 104 16.34 7.83 1.58
N MET C 105 16.76 9.11 1.45
CA MET C 105 17.52 9.63 0.31
C MET C 105 18.42 8.66 -0.41
N ASP C 106 17.83 7.96 -1.38
CA ASP C 106 18.44 6.99 -2.29
C ASP C 106 18.79 7.75 -3.62
N TYR C 107 20.05 7.83 -4.04
CA TYR C 107 20.32 8.64 -5.23
C TYR C 107 20.48 10.12 -5.01
N TRP C 108 21.74 10.48 -5.05
CA TRP C 108 22.24 11.83 -4.90
C TRP C 108 22.81 12.37 -6.20
N GLY C 109 22.63 13.66 -6.40
CA GLY C 109 23.24 14.34 -7.54
C GLY C 109 24.71 14.50 -7.20
N GLN C 110 25.56 14.78 -8.20
CA GLN C 110 27.00 14.97 -7.97
C GLN C 110 27.23 16.22 -7.10
N GLY C 111 26.28 17.16 -7.10
CA GLY C 111 26.40 18.40 -6.34
C GLY C 111 26.96 19.55 -7.16
N THR C 112 26.62 20.78 -6.79
CA THR C 112 27.17 21.97 -7.47
C THR C 112 27.82 22.87 -6.44
N SER C 113 29.06 23.29 -6.73
CA SER C 113 29.78 24.15 -5.82
C SER C 113 29.34 25.61 -5.96
N VAL C 114 29.03 26.24 -4.82
CA VAL C 114 28.60 27.63 -4.73
C VAL C 114 29.58 28.42 -3.86
N THR C 115 30.09 29.52 -4.42
CA THR C 115 31.00 30.40 -3.72
C THR C 115 30.35 31.77 -3.56
N VAL C 116 30.33 32.28 -2.34
CA VAL C 116 29.74 33.59 -2.12
C VAL C 116 30.85 34.55 -1.87
N SER C 117 31.06 35.48 -2.81
CA SER C 117 32.13 36.49 -2.78
C SER C 117 31.96 37.50 -3.93
N SER C 118 32.80 38.56 -3.96
CA SER C 118 32.80 39.53 -5.07
C SER C 118 34.16 39.45 -5.75
N ASP D 1 11.36 20.54 15.78
CA ASP D 1 12.58 20.25 15.03
C ASP D 1 13.48 19.26 15.77
N ILE D 2 13.89 18.16 15.10
CA ILE D 2 14.74 17.14 15.73
C ILE D 2 16.21 17.42 15.52
N VAL D 3 16.98 17.40 16.62
CA VAL D 3 18.42 17.59 16.60
C VAL D 3 19.17 16.26 16.68
N MET D 4 20.18 16.10 15.81
CA MET D 4 21.01 14.91 15.76
C MET D 4 22.44 15.22 16.14
N SER D 5 23.04 14.34 16.94
CA SER D 5 24.43 14.48 17.37
C SER D 5 25.19 13.16 17.28
N GLN D 6 26.40 13.20 16.70
CA GLN D 6 27.23 12.01 16.52
C GLN D 6 28.57 12.08 17.27
N SER D 7 29.08 10.90 17.65
CA SER D 7 30.37 10.73 18.33
C SER D 7 30.99 9.40 17.86
N PRO D 8 32.32 9.34 17.64
CA PRO D 8 33.29 10.42 17.82
C PRO D 8 33.15 11.38 16.65
N SER D 9 33.85 12.51 16.70
CA SER D 9 33.87 13.43 15.58
C SER D 9 34.79 12.76 14.52
N SER D 10 35.70 11.88 15.00
CA SER D 10 36.66 11.12 14.20
C SER D 10 37.39 10.04 15.01
N LEU D 11 37.96 9.04 14.32
CA LEU D 11 38.73 7.94 14.91
C LEU D 11 39.59 7.27 13.84
N VAL D 12 40.59 6.48 14.26
CA VAL D 12 41.46 5.75 13.33
C VAL D 12 41.50 4.27 13.72
N VAL D 13 41.46 3.38 12.73
CA VAL D 13 41.50 1.93 12.95
C VAL D 13 42.29 1.27 11.84
N SER D 14 42.89 0.11 12.09
CA SER D 14 43.61 -0.55 11.02
C SER D 14 42.66 -1.54 10.34
N VAL D 15 43.02 -1.95 9.12
CA VAL D 15 42.28 -2.92 8.32
C VAL D 15 42.04 -4.21 9.11
N GLY D 16 40.83 -4.74 9.03
CA GLY D 16 40.47 -5.97 9.70
C GLY D 16 39.73 -5.79 11.01
N GLU D 17 39.94 -4.64 11.69
CA GLU D 17 39.26 -4.38 12.96
C GLU D 17 37.77 -3.97 12.79
N LYS D 18 36.96 -4.18 13.84
CA LYS D 18 35.55 -3.80 13.88
C LYS D 18 35.48 -2.37 14.39
N VAL D 19 34.51 -1.59 13.92
CA VAL D 19 34.35 -0.19 14.35
C VAL D 19 32.92 0.14 14.69
N THR D 20 32.69 0.96 15.74
CA THR D 20 31.35 1.40 16.11
C THR D 20 31.28 2.92 16.35
N MET D 21 30.29 3.58 15.77
CA MET D 21 30.09 5.01 15.95
C MET D 21 28.66 5.23 16.32
N SER D 22 28.36 6.26 17.13
CA SER D 22 27.00 6.48 17.60
C SER D 22 26.31 7.74 17.09
N CYS D 23 24.96 7.79 17.24
CA CYS D 23 24.07 8.88 16.79
C CYS D 23 23.00 9.09 17.82
N LYS D 24 22.70 10.34 18.15
CA LYS D 24 21.65 10.64 19.13
C LYS D 24 20.65 11.66 18.62
N SER D 25 19.35 11.42 18.88
CA SER D 25 18.29 12.30 18.45
C SER D 25 17.57 12.82 19.66
N SER D 26 17.24 14.11 19.64
CA SER D 26 16.54 14.81 20.72
C SER D 26 15.13 14.31 20.94
N GLN D 27 14.60 13.52 20.01
CA GLN D 27 13.24 12.97 20.09
C GLN D 27 13.26 11.53 19.61
N SER D 28 12.31 10.68 20.05
CA SER D 28 12.26 9.27 19.61
C SER D 28 11.87 9.14 18.17
N LEU D 29 12.59 8.27 17.47
CA LEU D 29 12.37 8.06 16.04
C LEU D 29 11.64 6.74 15.76
N LEU D 30 11.11 6.13 16.81
CA LEU D 30 10.42 4.86 16.67
C LEU D 30 8.97 5.07 16.38
N TYR D 31 8.59 4.74 15.14
CA TYR D 31 7.26 4.85 14.56
C TYR D 31 6.32 3.83 15.15
N SER D 32 5.25 4.28 15.78
CA SER D 32 4.24 3.42 16.39
C SER D 32 3.67 2.34 15.44
N SER D 33 2.95 2.77 14.40
CA SER D 33 2.29 1.99 13.37
C SER D 33 3.04 0.82 12.76
N ASN D 34 4.36 0.67 12.98
CA ASN D 34 5.08 -0.45 12.38
C ASN D 34 6.26 -0.91 13.16
N GLN D 35 6.63 -0.19 14.24
CA GLN D 35 7.74 -0.59 15.12
C GLN D 35 9.08 -0.47 14.42
N LYS D 36 9.18 0.52 13.52
CA LYS D 36 10.38 0.84 12.76
C LYS D 36 10.96 2.21 13.20
N ASN D 37 12.27 2.30 13.18
CA ASN D 37 12.97 3.50 13.59
C ASN D 37 13.25 4.31 12.34
N PHE D 38 12.83 5.57 12.27
CA PHE D 38 13.05 6.41 11.08
C PHE D 38 14.42 7.04 11.04
N LEU D 39 15.45 6.20 10.97
CA LEU D 39 16.81 6.69 10.94
C LEU D 39 17.59 6.03 9.82
N ALA D 40 18.56 6.77 9.25
CA ALA D 40 19.38 6.26 8.18
C ALA D 40 20.79 6.60 8.39
N TRP D 41 21.67 5.83 7.75
CA TRP D 41 23.10 6.01 7.76
C TRP D 41 23.61 6.17 6.37
N TYR D 42 24.44 7.14 6.17
CA TYR D 42 25.02 7.41 4.87
C TYR D 42 26.52 7.34 5.01
N GLN D 43 27.20 6.95 3.93
CA GLN D 43 28.66 6.89 3.86
C GLN D 43 29.06 7.81 2.75
N GLN D 44 30.07 8.67 3.01
CA GLN D 44 30.56 9.59 2.00
C GLN D 44 32.04 9.45 1.86
N LYS D 45 32.51 8.81 0.76
CA LYS D 45 33.95 8.71 0.51
C LYS D 45 34.39 10.09 0.05
N PRO D 46 35.62 10.50 0.38
CA PRO D 46 36.00 11.87 0.10
C PRO D 46 36.02 12.15 -1.39
N GLY D 47 35.44 13.29 -1.75
CA GLY D 47 35.36 13.76 -3.13
C GLY D 47 34.21 13.16 -3.89
N GLN D 48 33.50 12.24 -3.24
CA GLN D 48 32.38 11.60 -3.88
C GLN D 48 31.11 12.05 -3.26
N SER D 49 29.98 11.66 -3.85
CA SER D 49 28.68 11.98 -3.29
C SER D 49 28.34 10.90 -2.26
N PRO D 50 27.49 11.26 -1.28
CA PRO D 50 27.11 10.29 -0.25
C PRO D 50 26.33 9.10 -0.79
N LYS D 51 26.27 8.03 -0.02
CA LYS D 51 25.61 6.80 -0.43
C LYS D 51 24.75 6.27 0.68
N LEU D 52 23.53 5.81 0.37
CA LEU D 52 22.67 5.26 1.42
C LEU D 52 23.16 3.86 1.77
N LEU D 53 23.37 3.61 3.05
CA LEU D 53 23.81 2.29 3.46
C LEU D 53 22.67 1.56 4.20
N ILE D 54 22.07 2.26 5.17
CA ILE D 54 21.08 1.68 6.03
C ILE D 54 19.92 2.58 6.28
N TYR D 55 18.74 2.00 6.26
CA TYR D 55 17.51 2.70 6.57
C TYR D 55 16.71 1.91 7.55
N TRP D 56 15.75 2.56 8.17
CA TRP D 56 14.97 1.91 9.18
C TRP D 56 15.88 1.45 10.30
N ALA D 57 17.00 2.18 10.49
CA ALA D 57 18.04 1.92 11.47
C ALA D 57 18.76 0.61 11.29
N SER D 58 18.10 -0.47 10.77
CA SER D 58 18.74 -1.79 10.62
C SER D 58 18.69 -2.42 9.24
N THR D 59 17.80 -1.94 8.35
CA THR D 59 17.72 -2.53 7.01
C THR D 59 18.87 -2.09 6.12
N ARG D 60 19.62 -3.06 5.62
CA ARG D 60 20.76 -2.82 4.74
C ARG D 60 20.29 -2.64 3.32
N GLU D 61 20.80 -1.60 2.65
CA GLU D 61 20.47 -1.31 1.26
C GLU D 61 21.07 -2.38 0.37
N SER D 62 20.42 -2.71 -0.74
CA SER D 62 20.99 -3.72 -1.62
C SER D 62 22.30 -3.24 -2.20
N GLY D 63 23.27 -4.15 -2.25
CA GLY D 63 24.60 -3.87 -2.74
C GLY D 63 25.51 -3.31 -1.66
N VAL D 64 25.07 -3.47 -0.39
CA VAL D 64 25.81 -3.02 0.77
C VAL D 64 26.37 -4.24 1.49
N PRO D 65 27.73 -4.30 1.56
CA PRO D 65 28.40 -5.42 2.25
C PRO D 65 27.80 -5.72 3.61
N ASP D 66 27.83 -7.00 3.99
CA ASP D 66 27.30 -7.43 5.27
C ASP D 66 28.13 -6.86 6.42
N ARG D 67 29.23 -6.23 6.08
CA ARG D 67 30.16 -5.64 7.02
C ARG D 67 29.53 -4.49 7.79
N PHE D 68 28.56 -3.82 7.16
CA PHE D 68 27.89 -2.68 7.76
C PHE D 68 26.64 -3.13 8.50
N THR D 69 26.51 -2.76 9.78
CA THR D 69 25.40 -3.18 10.62
C THR D 69 24.87 -2.02 11.42
N GLY D 70 23.59 -1.78 11.28
CA GLY D 70 22.95 -0.69 12.00
C GLY D 70 22.20 -1.24 13.18
N SER D 71 22.33 -0.55 14.33
CA SER D 71 21.72 -0.95 15.61
C SER D 71 21.11 0.27 16.32
N GLY D 72 20.34 0.00 17.36
CA GLY D 72 19.75 1.05 18.17
C GLY D 72 18.29 1.27 17.92
N SER D 73 17.63 1.92 18.89
CA SER D 73 16.20 2.17 18.84
C SER D 73 15.86 3.37 19.71
N GLY D 74 14.77 4.03 19.33
CA GLY D 74 14.28 5.21 20.02
C GLY D 74 15.14 6.45 19.76
N THR D 75 16.08 6.78 20.68
CA THR D 75 16.94 7.97 20.56
C THR D 75 18.42 7.69 20.41
N ASP D 76 18.85 6.44 20.60
CA ASP D 76 20.29 6.12 20.56
C ASP D 76 20.57 5.09 19.53
N PHE D 77 21.53 5.40 18.66
CA PHE D 77 21.85 4.56 17.51
C PHE D 77 23.30 4.39 17.27
N THR D 78 23.68 3.29 16.61
CA THR D 78 25.08 2.99 16.31
C THR D 78 25.24 2.37 14.94
N LEU D 79 26.37 2.64 14.33
CA LEU D 79 26.71 2.05 13.05
C LEU D 79 27.96 1.23 13.28
N THR D 80 27.96 -0.01 12.79
CA THR D 80 29.11 -0.88 12.97
C THR D 80 29.64 -1.39 11.65
N ILE D 81 30.99 -1.38 11.52
CA ILE D 81 31.72 -1.99 10.41
C ILE D 81 32.52 -3.17 10.93
N SER D 82 32.05 -4.37 10.57
CA SER D 82 32.51 -5.71 10.91
C SER D 82 33.55 -6.14 9.87
N SER D 83 34.77 -5.65 10.07
CA SER D 83 36.08 -5.81 9.41
C SER D 83 36.35 -4.77 8.38
N VAL D 84 36.96 -3.68 8.82
CA VAL D 84 37.27 -2.53 7.99
C VAL D 84 38.19 -2.89 6.81
N LYS D 85 37.84 -2.42 5.60
CA LYS D 85 38.62 -2.59 4.40
C LYS D 85 39.17 -1.24 4.05
N ALA D 86 40.28 -1.21 3.33
CA ALA D 86 40.98 -0.01 2.89
C ALA D 86 40.03 1.05 2.32
N GLU D 87 39.05 0.57 1.55
CA GLU D 87 38.17 1.52 0.94
C GLU D 87 36.98 1.93 1.75
N ASP D 88 36.94 1.52 3.03
CA ASP D 88 35.87 1.96 3.93
C ASP D 88 36.11 3.35 4.50
N LEU D 89 37.28 3.91 4.16
CA LEU D 89 37.66 5.26 4.51
C LEU D 89 36.63 6.24 3.95
N ALA D 90 36.00 7.02 4.85
CA ALA D 90 34.92 7.95 4.55
C ALA D 90 34.31 8.60 5.81
N VAL D 91 33.37 9.55 5.60
CA VAL D 91 32.64 10.26 6.66
C VAL D 91 31.29 9.63 6.71
N TYR D 92 30.85 9.27 7.91
CA TYR D 92 29.56 8.64 8.12
C TYR D 92 28.56 9.61 8.76
N TYR D 93 27.35 9.66 8.22
CA TYR D 93 26.32 10.55 8.75
C TYR D 93 25.08 9.76 9.10
N CYS D 94 24.30 10.29 10.05
CA CYS D 94 23.03 9.68 10.37
C CYS D 94 22.04 10.74 10.05
N GLN D 95 20.88 10.33 9.56
CA GLN D 95 19.81 11.23 9.23
C GLN D 95 18.52 10.71 9.82
N GLN D 96 17.69 11.61 10.37
CA GLN D 96 16.38 11.25 10.86
C GLN D 96 15.40 11.68 9.81
N TYR D 97 14.41 10.85 9.51
CA TYR D 97 13.39 11.22 8.54
C TYR D 97 12.00 11.00 9.11
N PHE D 98 11.89 11.22 10.41
CA PHE D 98 10.67 11.04 11.15
C PHE D 98 9.80 12.25 10.92
N ARG D 99 10.36 13.42 11.24
CA ARG D 99 9.73 14.72 11.07
C ARG D 99 10.71 15.62 10.37
N TYR D 100 10.42 15.90 9.10
CA TYR D 100 11.32 16.65 8.23
C TYR D 100 12.50 15.69 8.09
N ARG D 101 13.68 16.19 7.77
CA ARG D 101 14.89 15.37 7.67
C ARG D 101 16.04 16.17 8.16
N THR D 102 16.86 15.63 9.06
CA THR D 102 18.02 16.39 9.57
C THR D 102 19.21 15.48 9.64
N PHE D 103 20.42 15.99 9.30
CA PHE D 103 21.64 15.19 9.36
C PHE D 103 22.42 15.47 10.62
N GLY D 104 23.15 14.47 11.11
CA GLY D 104 24.04 14.67 12.25
C GLY D 104 25.32 15.34 11.74
N GLY D 105 26.23 15.67 12.65
CA GLY D 105 27.50 16.29 12.30
C GLY D 105 28.49 15.40 11.56
N GLY D 106 28.22 14.10 11.54
CA GLY D 106 29.06 13.10 10.90
C GLY D 106 30.25 12.64 11.71
N THR D 107 30.74 11.42 11.40
CA THR D 107 31.95 10.87 12.01
C THR D 107 32.98 10.51 10.93
N LYS D 108 34.21 11.02 11.07
CA LYS D 108 35.26 10.74 10.09
C LYS D 108 36.04 9.48 10.46
N LEU D 109 36.14 8.52 9.52
CA LEU D 109 36.92 7.29 9.72
C LEU D 109 38.24 7.36 8.95
N GLU D 110 39.37 7.29 9.68
CA GLU D 110 40.72 7.25 9.11
C GLU D 110 41.28 5.84 9.26
N ILE D 111 42.29 5.49 8.45
CA ILE D 111 42.88 4.15 8.52
C ILE D 111 44.30 4.21 9.05
N LYS D 112 44.59 3.36 10.04
CA LYS D 112 45.93 3.25 10.62
C LYS D 112 46.81 2.27 9.80
N ARG D 113 48.08 2.72 9.54
CA ARG D 113 49.22 2.08 8.86
C ARG D 113 50.46 2.94 9.11
N ALA D 114 51.68 2.35 9.09
CA ALA D 114 52.95 3.10 9.35
C ALA D 114 53.32 4.03 8.22
N GLY E 5 -7.92 5.31 -11.89
CA GLY E 5 -9.32 5.71 -11.82
C GLY E 5 -9.81 5.99 -10.42
N GLU E 6 -11.13 6.06 -10.23
CA GLU E 6 -11.69 6.39 -8.92
C GLU E 6 -11.62 5.31 -7.86
N VAL E 7 -11.73 5.78 -6.64
CA VAL E 7 -11.92 5.00 -5.46
C VAL E 7 -13.43 5.12 -5.25
N CYS E 8 -14.12 4.01 -5.28
CA CYS E 8 -15.54 4.05 -5.04
C CYS E 8 -15.78 3.41 -3.69
N PRO E 9 -16.89 3.73 -3.04
CA PRO E 9 -17.17 3.14 -1.73
C PRO E 9 -17.84 1.78 -1.89
N GLY E 10 -17.90 1.01 -0.79
CA GLY E 10 -18.57 -0.27 -0.80
C GLY E 10 -19.95 -0.22 -1.44
N MET E 11 -20.29 -1.22 -2.27
CA MET E 11 -21.58 -1.29 -2.94
C MET E 11 -22.37 -2.53 -2.69
N ASP E 12 -23.67 -2.35 -2.82
CA ASP E 12 -24.69 -3.33 -2.55
C ASP E 12 -25.78 -3.29 -3.58
N ILE E 13 -25.61 -4.10 -4.61
CA ILE E 13 -26.46 -4.14 -5.80
C ILE E 13 -27.42 -5.30 -5.77
N ARG E 14 -28.74 -4.98 -5.81
CA ARG E 14 -29.89 -5.87 -5.66
C ARG E 14 -30.98 -5.64 -6.70
N ASN E 15 -31.78 -6.68 -6.94
CA ASN E 15 -33.02 -6.63 -7.72
C ASN E 15 -32.95 -6.33 -9.22
N ASN E 16 -32.40 -5.15 -9.58
CA ASN E 16 -32.23 -4.58 -10.93
C ASN E 16 -30.75 -4.41 -11.25
N LEU E 17 -30.38 -4.50 -12.53
CA LEU E 17 -29.02 -4.16 -12.92
C LEU E 17 -28.76 -2.65 -12.99
N THR E 18 -29.79 -1.78 -13.02
CA THR E 18 -29.57 -0.34 -13.16
C THR E 18 -28.42 0.24 -12.34
N ARG E 19 -28.41 -0.02 -11.03
CA ARG E 19 -27.41 0.57 -10.12
C ARG E 19 -25.98 0.08 -10.36
N LEU E 20 -25.81 -1.03 -11.09
CA LEU E 20 -24.51 -1.64 -11.38
C LEU E 20 -23.57 -0.75 -12.17
N HIS E 21 -24.13 0.14 -12.98
CA HIS E 21 -23.39 1.08 -13.78
C HIS E 21 -22.71 2.15 -12.95
N GLU E 22 -23.02 2.22 -11.64
CA GLU E 22 -22.35 3.12 -10.68
C GLU E 22 -20.88 2.73 -10.54
N LEU E 23 -20.50 1.51 -10.99
CA LEU E 23 -19.13 1.03 -10.93
C LEU E 23 -18.29 1.36 -12.15
N GLU E 24 -18.93 1.96 -13.18
CA GLU E 24 -18.28 2.18 -14.45
C GLU E 24 -16.93 2.87 -14.46
N ASN E 25 -16.73 3.88 -13.61
CA ASN E 25 -15.46 4.61 -13.53
C ASN E 25 -14.89 4.27 -12.17
N CYS E 26 -14.21 3.11 -12.09
CA CYS E 26 -13.72 2.62 -10.80
C CYS E 26 -12.50 1.71 -10.88
N SER E 27 -11.52 1.91 -9.99
CA SER E 27 -10.32 1.09 -9.93
C SER E 27 -10.29 0.27 -8.68
N VAL E 28 -10.66 0.91 -7.57
CA VAL E 28 -10.65 0.29 -6.26
C VAL E 28 -12.00 0.47 -5.66
N ILE E 29 -12.55 -0.57 -5.06
CA ILE E 29 -13.76 -0.44 -4.27
C ILE E 29 -13.26 -0.46 -2.82
N GLU E 30 -13.43 0.65 -2.12
CA GLU E 30 -12.98 0.82 -0.73
C GLU E 30 -14.17 0.43 0.12
N GLY E 31 -14.23 -0.86 0.45
CA GLY E 31 -15.38 -1.49 1.08
C GLY E 31 -15.68 -2.83 0.41
N HIS E 32 -16.93 -3.32 0.49
CA HIS E 32 -17.23 -4.61 -0.12
C HIS E 32 -18.01 -4.44 -1.40
N LEU E 33 -18.18 -5.54 -2.15
CA LEU E 33 -19.03 -5.56 -3.32
C LEU E 33 -19.92 -6.73 -3.19
N GLN E 34 -21.21 -6.46 -3.06
CA GLN E 34 -22.24 -7.49 -3.02
C GLN E 34 -23.19 -7.29 -4.24
N ILE E 35 -23.38 -8.34 -5.04
CA ILE E 35 -24.31 -8.34 -6.15
C ILE E 35 -25.22 -9.51 -5.86
N LEU E 36 -26.51 -9.22 -5.69
CA LEU E 36 -27.43 -10.24 -5.25
C LEU E 36 -28.89 -10.07 -5.60
N LEU E 37 -29.59 -11.18 -5.47
CA LEU E 37 -31.01 -11.24 -5.59
C LEU E 37 -31.54 -10.59 -6.87
N MET E 38 -31.05 -11.08 -8.00
CA MET E 38 -31.52 -10.66 -9.33
C MET E 38 -32.21 -11.79 -9.99
N PHE E 39 -33.52 -11.82 -9.79
CA PHE E 39 -34.32 -12.93 -10.22
C PHE E 39 -34.79 -12.90 -11.64
N LYS E 40 -34.84 -11.70 -12.26
CA LYS E 40 -35.37 -11.64 -13.63
C LYS E 40 -34.37 -11.36 -14.72
N THR E 41 -33.09 -11.31 -14.35
CA THR E 41 -32.00 -11.13 -15.30
C THR E 41 -31.83 -12.41 -16.13
N ARG E 42 -31.33 -12.27 -17.35
CA ARG E 42 -31.14 -13.33 -18.31
C ARG E 42 -29.76 -13.18 -18.94
N PRO E 43 -29.22 -14.22 -19.59
CA PRO E 43 -27.87 -14.09 -20.18
C PRO E 43 -27.63 -12.89 -21.09
N GLU E 44 -28.66 -12.49 -21.87
CA GLU E 44 -28.58 -11.35 -22.79
C GLU E 44 -28.29 -10.03 -22.07
N ASP E 45 -28.72 -9.90 -20.79
CA ASP E 45 -28.45 -8.71 -19.98
C ASP E 45 -26.95 -8.58 -19.61
N PHE E 46 -26.19 -9.68 -19.69
CA PHE E 46 -24.77 -9.73 -19.37
C PHE E 46 -23.83 -9.94 -20.54
N ARG E 47 -24.37 -10.14 -21.75
CA ARG E 47 -23.56 -10.32 -22.96
C ARG E 47 -22.68 -9.11 -23.28
N ASP E 48 -23.19 -7.90 -22.95
CA ASP E 48 -22.60 -6.59 -23.22
C ASP E 48 -22.19 -5.83 -21.97
N LEU E 49 -21.85 -6.55 -20.90
CA LEU E 49 -21.58 -5.91 -19.62
C LEU E 49 -20.20 -6.26 -19.08
N SER E 50 -19.40 -5.22 -18.83
CA SER E 50 -18.01 -5.36 -18.42
C SER E 50 -17.55 -4.18 -17.58
N PHE E 51 -16.72 -4.47 -16.54
CA PHE E 51 -16.09 -3.44 -15.68
C PHE E 51 -14.59 -3.70 -15.63
N PRO E 52 -13.91 -3.41 -16.76
CA PRO E 52 -12.49 -3.74 -16.88
C PRO E 52 -11.58 -2.88 -16.05
N LYS E 53 -12.12 -1.77 -15.50
CA LYS E 53 -11.36 -0.85 -14.67
C LYS E 53 -11.11 -1.37 -13.26
N LEU E 54 -11.98 -2.28 -12.75
CA LEU E 54 -11.84 -2.79 -11.38
C LEU E 54 -10.64 -3.71 -11.17
N ILE E 55 -9.75 -3.30 -10.26
CA ILE E 55 -8.50 -4.00 -9.98
C ILE E 55 -8.53 -4.58 -8.63
N MET E 56 -9.21 -3.91 -7.71
CA MET E 56 -9.16 -4.34 -6.34
C MET E 56 -10.39 -4.01 -5.50
N ILE E 57 -10.73 -4.90 -4.56
CA ILE E 57 -11.81 -4.71 -3.56
C ILE E 57 -11.13 -4.82 -2.20
N THR E 58 -11.29 -3.83 -1.30
CA THR E 58 -10.58 -3.86 -0.01
C THR E 58 -11.15 -4.87 0.97
N ASP E 59 -12.47 -5.10 0.91
CA ASP E 59 -13.12 -6.03 1.85
C ASP E 59 -13.39 -7.39 1.21
N TYR E 60 -14.62 -7.63 0.77
CA TYR E 60 -14.96 -8.90 0.19
C TYR E 60 -15.87 -8.75 -1.04
N LEU E 61 -15.95 -9.83 -1.85
CA LEU E 61 -16.84 -9.96 -3.01
C LEU E 61 -17.83 -11.07 -2.73
N LEU E 62 -19.10 -10.74 -2.85
CA LEU E 62 -20.20 -11.67 -2.65
C LEU E 62 -21.20 -11.63 -3.85
N LEU E 63 -21.44 -12.81 -4.43
CA LEU E 63 -22.39 -13.03 -5.52
C LEU E 63 -23.35 -14.11 -5.04
N PHE E 64 -24.64 -13.76 -5.02
CA PHE E 64 -25.68 -14.61 -4.50
C PHE E 64 -26.98 -14.46 -5.29
N ARG E 65 -27.50 -15.55 -5.82
CA ARG E 65 -28.75 -15.45 -6.55
C ARG E 65 -28.79 -14.40 -7.69
N VAL E 66 -27.80 -14.42 -8.59
CA VAL E 66 -27.79 -13.53 -9.75
C VAL E 66 -28.07 -14.43 -10.97
N TYR E 67 -29.31 -14.37 -11.45
CA TYR E 67 -29.80 -15.19 -12.55
C TYR E 67 -29.29 -14.70 -13.89
N GLY E 68 -29.02 -15.65 -14.78
CA GLY E 68 -28.53 -15.35 -16.13
C GLY E 68 -27.02 -15.12 -16.25
N LEU E 69 -26.31 -15.00 -15.12
CA LEU E 69 -24.87 -14.78 -15.15
C LEU E 69 -24.16 -16.12 -15.21
N GLU E 70 -23.40 -16.33 -16.30
CA GLU E 70 -22.75 -17.60 -16.64
C GLU E 70 -21.24 -17.68 -16.36
N SER E 71 -20.60 -16.52 -16.31
CA SER E 71 -19.18 -16.41 -16.08
C SER E 71 -18.95 -15.00 -15.59
N LEU E 72 -17.84 -14.80 -14.87
CA LEU E 72 -17.42 -13.48 -14.40
C LEU E 72 -16.27 -12.94 -15.23
N LYS E 73 -15.77 -13.71 -16.22
CA LYS E 73 -14.64 -13.32 -17.06
C LYS E 73 -14.81 -12.00 -17.81
N ASP E 74 -16.05 -11.61 -18.15
CA ASP E 74 -16.36 -10.37 -18.83
C ASP E 74 -16.75 -9.32 -17.83
N LEU E 75 -17.38 -9.72 -16.74
CA LEU E 75 -17.76 -8.75 -15.74
C LEU E 75 -16.55 -8.15 -15.04
N PHE E 76 -15.66 -8.99 -14.44
CA PHE E 76 -14.48 -8.49 -13.68
C PHE E 76 -13.18 -9.06 -14.19
N PRO E 77 -12.84 -8.73 -15.46
CA PRO E 77 -11.66 -9.35 -16.08
C PRO E 77 -10.32 -9.03 -15.45
N ASN E 78 -10.22 -7.85 -14.81
CA ASN E 78 -8.98 -7.32 -14.26
C ASN E 78 -8.86 -7.33 -12.75
N LEU E 79 -9.86 -7.85 -12.06
CA LEU E 79 -9.85 -7.92 -10.60
C LEU E 79 -8.69 -8.82 -10.20
N THR E 80 -7.70 -8.21 -9.52
CA THR E 80 -6.40 -8.81 -9.17
C THR E 80 -6.23 -9.16 -7.69
N VAL E 81 -6.82 -8.35 -6.83
CA VAL E 81 -6.70 -8.51 -5.39
C VAL E 81 -8.02 -8.25 -4.69
N ILE E 82 -8.30 -9.07 -3.69
CA ILE E 82 -9.38 -8.86 -2.77
C ILE E 82 -8.62 -8.86 -1.44
N ARG E 83 -8.55 -7.71 -0.75
CA ARG E 83 -7.74 -7.58 0.45
C ARG E 83 -8.29 -8.23 1.71
N GLY E 84 -9.61 -8.30 1.82
CA GLY E 84 -10.22 -8.95 2.96
C GLY E 84 -10.05 -8.22 4.26
N SER E 85 -10.03 -6.87 4.25
CA SER E 85 -9.88 -6.05 5.47
C SER E 85 -11.02 -6.30 6.43
N ARG E 86 -12.25 -6.47 5.89
CA ARG E 86 -13.45 -6.90 6.56
C ARG E 86 -13.91 -8.08 5.74
N LEU E 87 -14.49 -9.08 6.40
CA LEU E 87 -14.89 -10.32 5.74
C LEU E 87 -16.36 -10.64 5.97
N PHE E 88 -16.89 -11.55 5.14
CA PHE E 88 -18.25 -12.02 5.25
C PHE E 88 -18.10 -13.35 5.93
N PHE E 89 -18.27 -13.38 7.26
CA PHE E 89 -18.06 -14.60 8.05
C PHE E 89 -16.82 -15.35 7.56
N ASN E 90 -15.59 -14.89 7.91
CA ASN E 90 -14.29 -15.44 7.49
C ASN E 90 -14.00 -15.51 6.00
N TYR E 91 -14.94 -15.10 5.11
CA TYR E 91 -14.72 -15.21 3.67
C TYR E 91 -14.52 -13.89 2.97
N ALA E 92 -13.58 -13.89 2.04
CA ALA E 92 -13.27 -12.72 1.23
C ALA E 92 -13.93 -12.88 -0.15
N LEU E 93 -14.31 -14.12 -0.50
CA LEU E 93 -14.98 -14.43 -1.76
C LEU E 93 -16.13 -15.41 -1.51
N VAL E 94 -17.37 -14.99 -1.85
CA VAL E 94 -18.55 -15.81 -1.64
C VAL E 94 -19.34 -15.92 -2.93
N ILE E 95 -19.51 -17.16 -3.42
CA ILE E 95 -20.29 -17.52 -4.60
C ILE E 95 -21.33 -18.52 -4.08
N PHE E 96 -22.57 -18.04 -3.86
CA PHE E 96 -23.60 -18.84 -3.25
C PHE E 96 -24.92 -18.78 -3.99
N GLU E 97 -25.50 -19.96 -4.31
CA GLU E 97 -26.77 -20.08 -5.01
C GLU E 97 -26.78 -19.23 -6.28
N MET E 98 -25.68 -19.29 -7.04
CA MET E 98 -25.49 -18.65 -8.34
C MET E 98 -25.92 -19.66 -9.40
N VAL E 99 -27.24 -19.78 -9.53
CA VAL E 99 -27.87 -20.66 -10.47
C VAL E 99 -27.35 -20.03 -11.78
N HIS E 100 -27.11 -20.85 -12.80
CA HIS E 100 -26.56 -20.44 -14.11
C HIS E 100 -25.06 -20.24 -14.21
N LEU E 101 -24.30 -20.05 -13.09
CA LEU E 101 -22.85 -19.83 -13.22
C LEU E 101 -22.16 -21.10 -13.62
N LYS E 102 -21.45 -21.06 -14.75
CA LYS E 102 -20.78 -22.24 -15.32
C LYS E 102 -19.29 -22.27 -14.99
N GLU E 103 -18.70 -21.08 -14.72
CA GLU E 103 -17.28 -20.93 -14.38
C GLU E 103 -17.11 -19.63 -13.64
N LEU E 104 -16.03 -19.50 -12.85
CA LEU E 104 -15.73 -18.23 -12.18
C LEU E 104 -15.16 -17.28 -13.22
N GLY E 105 -14.07 -17.69 -13.83
CA GLY E 105 -13.43 -16.89 -14.86
C GLY E 105 -12.72 -15.63 -14.41
N LEU E 106 -12.35 -15.53 -13.11
CA LEU E 106 -11.62 -14.36 -12.57
C LEU E 106 -10.15 -14.59 -12.86
N TYR E 107 -9.77 -14.61 -14.14
CA TYR E 107 -8.43 -14.97 -14.61
C TYR E 107 -7.28 -14.08 -14.20
N ASN E 108 -7.61 -12.87 -13.67
CA ASN E 108 -6.61 -11.94 -13.15
C ASN E 108 -6.50 -11.95 -11.64
N LEU E 109 -7.30 -12.78 -10.95
CA LEU E 109 -7.27 -12.84 -9.48
C LEU E 109 -6.04 -13.55 -8.97
N MET E 110 -5.12 -12.80 -8.38
CA MET E 110 -3.83 -13.31 -7.94
C MET E 110 -3.72 -13.54 -6.46
N ASN E 111 -4.40 -12.71 -5.70
CA ASN E 111 -4.25 -12.77 -4.28
C ASN E 111 -5.51 -12.39 -3.55
N ILE E 112 -5.77 -13.14 -2.48
CA ILE E 112 -6.80 -12.85 -1.51
C ILE E 112 -5.99 -12.71 -0.22
N THR E 113 -5.75 -11.46 0.15
CA THR E 113 -5.01 -11.12 1.34
C THR E 113 -6.08 -11.37 2.39
N ARG E 114 -5.70 -11.88 3.51
CA ARG E 114 -6.65 -12.15 4.60
C ARG E 114 -7.62 -13.40 4.51
N GLY E 115 -8.92 -13.21 4.27
CA GLY E 115 -9.89 -14.31 4.35
C GLY E 115 -9.80 -15.55 3.48
N SER E 116 -10.89 -16.37 3.48
CA SER E 116 -11.07 -17.62 2.73
C SER E 116 -12.18 -17.55 1.64
N VAL E 117 -12.36 -18.64 0.91
CA VAL E 117 -13.29 -18.72 -0.20
C VAL E 117 -14.41 -19.68 0.12
N ARG E 118 -15.66 -19.26 -0.09
CA ARG E 118 -16.85 -20.11 0.06
C ARG E 118 -17.62 -20.11 -1.21
N ILE E 119 -17.61 -21.23 -1.91
CA ILE E 119 -18.28 -21.45 -3.20
C ILE E 119 -19.16 -22.66 -2.98
N GLU E 120 -20.44 -22.40 -2.76
CA GLU E 120 -21.40 -23.41 -2.33
C GLU E 120 -22.73 -23.36 -3.06
N LYS E 121 -23.30 -24.53 -3.41
CA LYS E 121 -24.64 -24.68 -3.98
C LYS E 121 -24.86 -23.97 -5.31
N ASN E 122 -23.90 -24.19 -6.22
CA ASN E 122 -23.89 -23.62 -7.55
C ASN E 122 -24.06 -24.74 -8.56
N ASN E 123 -25.32 -24.94 -8.93
CA ASN E 123 -25.76 -25.89 -9.90
C ASN E 123 -25.25 -25.23 -11.15
N GLU E 124 -24.51 -25.99 -11.92
CA GLU E 124 -23.86 -25.65 -13.17
C GLU E 124 -22.39 -25.32 -13.00
N LEU E 125 -21.89 -25.07 -11.78
CA LEU E 125 -20.52 -24.59 -11.62
C LEU E 125 -19.37 -25.56 -11.80
N CYS E 126 -18.55 -25.29 -12.83
CA CYS E 126 -17.36 -26.06 -13.17
C CYS E 126 -16.15 -25.17 -13.17
N TYR E 127 -15.00 -25.66 -13.68
CA TYR E 127 -13.74 -24.93 -13.69
C TYR E 127 -13.30 -24.53 -12.25
N LEU E 128 -13.57 -25.44 -11.30
CA LEU E 128 -13.18 -25.28 -9.91
C LEU E 128 -12.01 -26.18 -9.60
N ALA E 129 -12.02 -27.43 -10.08
CA ALA E 129 -10.91 -28.36 -9.83
C ALA E 129 -9.63 -27.91 -10.54
N THR E 130 -9.78 -27.04 -11.55
CA THR E 130 -8.71 -26.52 -12.39
C THR E 130 -7.98 -25.35 -11.79
N ILE E 131 -8.51 -24.80 -10.67
CA ILE E 131 -7.94 -23.66 -9.98
C ILE E 131 -7.05 -24.13 -8.84
N ASP E 132 -5.83 -23.65 -8.80
CA ASP E 132 -4.96 -23.89 -7.66
C ASP E 132 -5.10 -22.67 -6.74
N TRP E 133 -5.93 -22.83 -5.71
CA TRP E 133 -6.18 -21.77 -4.75
C TRP E 133 -4.96 -21.47 -3.86
N SER E 134 -4.02 -22.41 -3.72
CA SER E 134 -2.83 -22.20 -2.90
C SER E 134 -1.95 -21.12 -3.43
N ARG E 135 -2.12 -20.73 -4.69
CA ARG E 135 -1.40 -19.60 -5.28
C ARG E 135 -2.06 -18.24 -4.90
N ILE E 136 -3.31 -18.31 -4.43
CA ILE E 136 -4.13 -17.14 -4.16
C ILE E 136 -4.36 -16.86 -2.67
N LEU E 137 -4.53 -17.90 -1.86
CA LEU E 137 -4.75 -17.78 -0.41
C LEU E 137 -3.69 -18.49 0.35
N ASP E 138 -3.23 -17.86 1.43
CA ASP E 138 -2.28 -18.50 2.32
C ASP E 138 -2.89 -19.74 2.98
N SER E 139 -4.19 -19.61 3.37
CA SER E 139 -4.96 -20.69 4.03
C SER E 139 -6.06 -21.24 3.14
N VAL E 140 -5.91 -22.48 2.67
CA VAL E 140 -6.97 -23.09 1.88
C VAL E 140 -7.72 -24.05 2.76
N GLU E 141 -7.22 -24.19 4.01
CA GLU E 141 -7.74 -25.06 5.06
C GLU E 141 -9.19 -24.71 5.41
N ASP E 142 -9.48 -23.40 5.39
CA ASP E 142 -10.78 -22.84 5.72
C ASP E 142 -11.69 -22.57 4.51
N ASN E 143 -11.25 -22.95 3.30
CA ASN E 143 -12.10 -22.86 2.12
C ASN E 143 -13.27 -23.84 2.29
N HIS E 144 -14.42 -23.50 1.70
CA HIS E 144 -15.59 -24.34 1.78
C HIS E 144 -16.22 -24.35 0.41
N ILE E 145 -15.77 -25.30 -0.41
CA ILE E 145 -16.17 -25.41 -1.80
C ILE E 145 -16.87 -26.72 -1.99
N VAL E 146 -18.21 -26.68 -1.88
CA VAL E 146 -19.07 -27.87 -1.92
C VAL E 146 -20.39 -27.66 -2.67
N LEU E 147 -21.05 -28.76 -2.99
CA LEU E 147 -22.34 -28.79 -3.63
C LEU E 147 -22.42 -27.98 -4.95
N ASN E 148 -21.40 -28.18 -5.79
CA ASN E 148 -21.36 -27.58 -7.13
C ASN E 148 -21.39 -28.70 -8.18
N LYS E 149 -21.64 -28.37 -9.47
CA LYS E 149 -21.65 -29.39 -10.53
C LYS E 149 -20.34 -30.22 -10.48
N ASP E 150 -19.25 -29.56 -10.10
CA ASP E 150 -17.91 -30.08 -9.96
C ASP E 150 -17.78 -31.31 -9.06
N ASP E 151 -18.68 -31.43 -8.07
CA ASP E 151 -18.72 -32.54 -7.12
C ASP E 151 -19.07 -33.86 -7.75
N ASN E 152 -19.91 -33.85 -8.80
CA ASN E 152 -20.40 -35.08 -9.42
C ASN E 152 -19.37 -35.94 -10.16
N GLU E 153 -18.27 -35.30 -10.68
CA GLU E 153 -17.12 -35.89 -11.43
C GLU E 153 -17.22 -35.62 -12.95
N GLU E 154 -18.41 -35.17 -13.43
CA GLU E 154 -18.66 -34.99 -14.85
C GLU E 154 -18.86 -33.55 -15.36
N CYS E 155 -17.83 -32.75 -15.08
CA CYS E 155 -17.58 -31.41 -15.57
C CYS E 155 -16.61 -31.74 -16.69
N GLY E 156 -16.94 -31.39 -17.91
CA GLY E 156 -16.03 -31.60 -19.01
C GLY E 156 -15.01 -30.49 -19.09
N ASP E 157 -14.28 -30.20 -17.98
CA ASP E 157 -13.29 -29.13 -17.94
C ASP E 157 -12.19 -29.36 -18.95
N ILE E 158 -11.95 -28.34 -19.79
CA ILE E 158 -10.96 -28.37 -20.87
C ILE E 158 -10.16 -27.08 -20.91
N CYS E 159 -8.84 -27.21 -20.86
CA CYS E 159 -7.92 -26.09 -20.77
C CYS E 159 -7.25 -25.70 -22.09
N ASN E 168 -0.27 -26.50 -22.21
CA ASN E 168 0.04 -25.08 -22.10
C ASN E 168 -0.09 -24.51 -20.69
N CYS E 169 -1.09 -24.95 -19.90
CA CYS E 169 -1.32 -24.45 -18.55
C CYS E 169 -0.39 -25.05 -17.51
N PRO E 170 0.00 -24.25 -16.51
CA PRO E 170 0.98 -24.74 -15.54
C PRO E 170 0.44 -25.73 -14.52
N ALA E 171 0.22 -26.98 -14.92
CA ALA E 171 -0.25 -28.00 -13.99
C ALA E 171 0.64 -28.08 -12.72
N THR E 172 0.00 -28.18 -11.52
CA THR E 172 0.64 -28.23 -10.19
C THR E 172 0.06 -29.39 -9.43
N VAL E 173 0.69 -29.78 -8.32
CA VAL E 173 0.26 -30.91 -7.50
C VAL E 173 -0.64 -30.47 -6.37
N ILE E 174 -1.86 -31.01 -6.29
CA ILE E 174 -2.73 -30.66 -5.17
C ILE E 174 -2.90 -31.81 -4.18
N ASN E 175 -3.33 -32.98 -4.67
CA ASN E 175 -3.40 -34.20 -3.91
C ASN E 175 -2.02 -34.87 -4.09
N GLY E 176 -1.96 -35.99 -4.79
CA GLY E 176 -0.73 -36.68 -5.12
C GLY E 176 -0.48 -36.70 -6.63
N GLN E 177 -1.23 -35.86 -7.36
CA GLN E 177 -1.14 -35.77 -8.83
C GLN E 177 -1.13 -34.34 -9.33
N PHE E 178 -0.47 -34.16 -10.48
CA PHE E 178 -0.42 -32.86 -11.11
C PHE E 178 -1.73 -32.64 -11.87
N VAL E 179 -2.28 -31.43 -11.73
CA VAL E 179 -3.55 -31.05 -12.31
C VAL E 179 -3.35 -29.70 -12.98
N GLU E 180 -3.70 -29.58 -14.29
CA GLU E 180 -3.69 -28.37 -15.16
C GLU E 180 -4.19 -27.12 -14.42
N ARG E 181 -3.74 -25.91 -14.73
CA ARG E 181 -4.29 -24.80 -13.97
C ARG E 181 -4.89 -23.78 -14.87
N CYS E 182 -6.22 -23.73 -14.93
CA CYS E 182 -6.92 -22.80 -15.80
C CYS E 182 -8.24 -22.32 -15.22
N TRP E 183 -8.72 -21.18 -15.72
CA TRP E 183 -9.95 -20.52 -15.28
C TRP E 183 -11.12 -20.79 -16.21
N THR E 184 -10.84 -20.84 -17.53
CA THR E 184 -11.81 -21.10 -18.60
C THR E 184 -11.11 -21.86 -19.74
N HIS E 185 -11.86 -22.25 -20.79
CA HIS E 185 -11.24 -22.92 -21.93
C HIS E 185 -10.22 -22.03 -22.63
N SER E 186 -10.33 -20.70 -22.46
CA SER E 186 -9.42 -19.79 -23.10
C SER E 186 -8.47 -18.99 -22.17
N HIS E 187 -8.49 -19.26 -20.86
CA HIS E 187 -7.58 -18.53 -19.95
C HIS E 187 -6.87 -19.47 -18.96
N CYS E 188 -5.52 -19.51 -19.01
CA CYS E 188 -4.74 -20.30 -18.05
C CYS E 188 -4.71 -19.50 -16.74
N GLN E 189 -4.35 -20.17 -15.64
CA GLN E 189 -4.09 -19.51 -14.37
C GLN E 189 -2.63 -19.09 -14.43
N LYS E 190 -2.37 -17.84 -14.07
CA LYS E 190 -1.03 -17.29 -14.06
C LYS E 190 -0.29 -17.83 -12.87
N VAL E 191 0.92 -18.29 -13.09
CA VAL E 191 1.73 -18.77 -12.00
C VAL E 191 3.07 -18.09 -12.16
N CYS E 192 3.59 -17.61 -11.02
CA CYS E 192 4.86 -16.93 -10.99
C CYS E 192 5.82 -17.82 -10.27
N PRO E 193 7.13 -17.71 -10.54
CA PRO E 193 8.09 -18.53 -9.81
C PRO E 193 7.93 -18.27 -8.32
N THR E 194 8.22 -19.29 -7.49
CA THR E 194 8.06 -19.18 -6.04
C THR E 194 8.84 -18.02 -5.44
N ILE E 195 10.03 -17.72 -6.03
CA ILE E 195 10.91 -16.62 -5.65
C ILE E 195 10.25 -15.23 -5.77
N CYS E 196 9.20 -15.07 -6.65
CA CYS E 196 8.42 -13.82 -6.82
C CYS E 196 7.49 -13.62 -5.69
N LYS E 197 7.26 -14.68 -4.90
CA LYS E 197 6.34 -14.65 -3.78
C LYS E 197 4.98 -14.17 -4.34
N SER E 198 4.37 -13.21 -3.65
CA SER E 198 3.09 -12.71 -4.07
C SER E 198 3.22 -11.45 -4.86
N HIS E 199 4.44 -11.01 -5.21
CA HIS E 199 4.60 -9.75 -5.93
C HIS E 199 4.12 -9.74 -7.35
N GLY E 200 4.02 -10.93 -7.95
CA GLY E 200 3.64 -11.07 -9.34
C GLY E 200 4.84 -10.99 -10.25
N CYS E 201 4.62 -11.19 -11.54
CA CYS E 201 5.69 -11.20 -12.52
C CYS E 201 5.13 -10.81 -13.86
N THR E 202 6.04 -10.54 -14.81
CA THR E 202 5.69 -10.25 -16.20
C THR E 202 5.45 -11.59 -16.93
N ALA E 203 5.01 -11.51 -18.18
CA ALA E 203 4.75 -12.69 -19.01
C ALA E 203 6.00 -13.54 -19.14
N GLU E 204 7.16 -12.89 -19.09
CA GLU E 204 8.45 -13.56 -19.23
C GLU E 204 8.96 -14.16 -17.91
N GLY E 205 8.17 -14.07 -16.84
CA GLY E 205 8.51 -14.60 -15.51
C GLY E 205 9.38 -13.74 -14.61
N LEU E 206 9.59 -12.45 -14.98
CA LEU E 206 10.42 -11.50 -14.23
C LEU E 206 9.64 -10.85 -13.11
N CYS E 207 10.15 -10.99 -11.90
CA CYS E 207 9.45 -10.48 -10.74
C CYS E 207 9.15 -9.03 -10.78
N CYS E 208 7.95 -8.70 -10.33
CA CYS E 208 7.50 -7.34 -10.10
C CYS E 208 8.28 -6.80 -8.91
N HIS E 209 8.20 -5.48 -8.64
CA HIS E 209 8.81 -4.90 -7.46
C HIS E 209 8.19 -5.52 -6.16
N SER E 210 8.99 -5.61 -5.09
CA SER E 210 8.56 -6.17 -3.82
C SER E 210 7.41 -5.42 -3.17
N GLU E 211 7.14 -4.18 -3.60
CA GLU E 211 6.00 -3.46 -3.05
C GLU E 211 4.71 -3.70 -3.83
N CYS E 212 4.81 -4.39 -5.01
CA CYS E 212 3.63 -4.76 -5.80
C CYS E 212 3.00 -5.96 -5.26
N LEU E 213 1.74 -6.14 -5.65
CA LEU E 213 0.92 -7.30 -5.30
C LEU E 213 0.24 -7.85 -6.53
N GLY E 214 0.61 -9.06 -6.91
CA GLY E 214 -0.06 -9.79 -7.97
C GLY E 214 0.38 -9.59 -9.41
N ASN E 215 0.61 -8.33 -9.81
CA ASN E 215 0.97 -8.02 -11.20
C ASN E 215 1.51 -6.60 -11.32
N CYS E 216 2.22 -6.36 -12.42
CA CYS E 216 2.80 -5.06 -12.75
C CYS E 216 2.87 -4.91 -14.27
N SER E 217 2.91 -3.66 -14.75
CA SER E 217 3.08 -3.35 -16.17
C SER E 217 4.55 -3.37 -16.56
N GLN E 218 5.44 -3.18 -15.59
CA GLN E 218 6.89 -3.24 -15.79
C GLN E 218 7.52 -3.83 -14.54
N PRO E 219 8.62 -4.58 -14.70
CA PRO E 219 9.29 -5.12 -13.52
C PRO E 219 10.10 -4.07 -12.81
N ASP E 220 10.43 -4.37 -11.56
CA ASP E 220 11.30 -3.56 -10.73
C ASP E 220 10.95 -2.06 -10.73
N ASP E 221 9.66 -1.75 -10.55
CA ASP E 221 9.22 -0.36 -10.48
C ASP E 221 7.98 -0.25 -9.61
N PRO E 222 8.08 0.41 -8.44
CA PRO E 222 6.92 0.52 -7.52
C PRO E 222 5.82 1.52 -7.90
N THR E 223 5.97 2.16 -9.05
CA THR E 223 4.96 3.07 -9.56
C THR E 223 4.25 2.36 -10.72
N LYS E 224 4.64 1.10 -11.02
CA LYS E 224 4.09 0.32 -12.14
C LYS E 224 3.36 -0.92 -11.71
N CYS E 225 2.99 -0.95 -10.43
CA CYS E 225 2.24 -2.06 -9.86
C CYS E 225 0.79 -2.02 -10.29
N VAL E 226 0.18 -3.19 -10.47
CA VAL E 226 -1.26 -3.24 -10.69
C VAL E 226 -1.95 -2.98 -9.32
N ALA E 227 -1.37 -3.48 -8.24
CA ALA E 227 -1.88 -3.25 -6.89
C ALA E 227 -0.74 -3.27 -5.92
N CYS E 228 -0.93 -2.72 -4.71
CA CYS E 228 0.12 -2.64 -3.68
C CYS E 228 0.07 -3.73 -2.66
N ARG E 229 1.24 -4.22 -2.24
CA ARG E 229 1.36 -5.20 -1.17
C ARG E 229 1.00 -4.51 0.14
N ASN E 230 1.54 -3.30 0.36
CA ASN E 230 1.30 -2.59 1.60
C ASN E 230 0.34 -1.40 1.47
N PHE E 231 0.87 -0.20 1.21
CA PHE E 231 0.06 1.00 1.10
C PHE E 231 0.32 1.78 -0.16
N TYR E 232 -0.63 2.62 -0.51
CA TYR E 232 -0.53 3.43 -1.71
C TYR E 232 -0.43 4.91 -1.36
N LEU E 233 0.50 5.62 -2.00
CA LEU E 233 0.64 7.06 -1.83
C LEU E 233 1.24 7.73 -3.04
N ASP E 234 0.61 8.80 -3.51
CA ASP E 234 1.13 9.63 -4.61
C ASP E 234 1.71 8.82 -5.78
N GLY E 235 0.88 7.95 -6.34
CA GLY E 235 1.19 7.09 -7.49
C GLY E 235 2.06 5.89 -7.20
N ARG E 236 2.49 5.72 -5.95
CA ARG E 236 3.50 4.72 -5.58
C ARG E 236 3.08 3.73 -4.50
N CYS E 237 3.62 2.51 -4.56
CA CYS E 237 3.40 1.49 -3.54
C CYS E 237 4.50 1.62 -2.52
N VAL E 238 4.11 1.87 -1.27
CA VAL E 238 5.02 2.06 -0.13
C VAL E 238 4.82 1.06 1.00
N GLU E 239 5.90 0.75 1.74
CA GLU E 239 5.87 -0.17 2.89
C GLU E 239 5.01 0.36 4.05
N THR E 240 5.15 1.62 4.35
CA THR E 240 4.34 2.25 5.39
C THR E 240 4.05 3.67 4.97
N CYS E 241 2.99 4.26 5.54
CA CYS E 241 2.70 5.68 5.34
C CYS E 241 3.72 6.46 6.15
N PRO E 242 4.45 7.42 5.57
CA PRO E 242 5.37 8.17 6.39
C PRO E 242 4.60 9.33 7.03
N PRO E 243 5.11 9.89 8.13
CA PRO E 243 4.50 11.11 8.67
C PRO E 243 4.74 12.23 7.64
N PRO E 244 3.78 13.13 7.47
CA PRO E 244 2.58 13.32 8.29
C PRO E 244 1.33 12.63 7.80
N TYR E 245 1.44 11.47 7.13
CA TYR E 245 0.26 10.80 6.58
C TYR E 245 -0.24 9.66 7.47
N TYR E 246 -1.53 9.35 7.41
CA TYR E 246 -2.12 8.25 8.18
C TYR E 246 -2.55 7.06 7.35
N HIS E 247 -2.44 5.87 7.94
CA HIS E 247 -2.85 4.63 7.31
C HIS E 247 -4.38 4.58 7.29
N PHE E 248 -4.98 4.46 6.11
CA PHE E 248 -6.41 4.45 5.94
C PHE E 248 -6.90 3.20 5.22
N GLN E 249 -7.98 2.60 5.77
CA GLN E 249 -8.65 1.37 5.28
C GLN E 249 -7.65 0.24 4.97
N ASP E 250 -6.53 0.27 5.70
CA ASP E 250 -5.45 -0.66 5.54
C ASP E 250 -4.91 -0.83 4.09
N TRP E 251 -4.96 0.26 3.28
CA TRP E 251 -4.41 0.23 1.92
C TRP E 251 -3.91 1.56 1.37
N ARG E 252 -4.37 2.70 1.92
CA ARG E 252 -3.87 4.00 1.44
C ARG E 252 -3.44 5.01 2.51
N CYS E 253 -2.59 5.97 2.11
CA CYS E 253 -2.09 7.06 2.97
C CYS E 253 -2.89 8.28 2.74
N VAL E 254 -3.34 8.88 3.83
CA VAL E 254 -4.15 10.08 3.75
C VAL E 254 -3.56 11.09 4.73
N ASN E 255 -3.88 12.36 4.54
CA ASN E 255 -3.42 13.42 5.42
C ASN E 255 -4.43 13.68 6.51
N PHE E 256 -4.02 14.42 7.55
CA PHE E 256 -4.93 14.71 8.64
C PHE E 256 -6.27 15.31 8.19
N SER E 257 -6.18 16.25 7.25
CA SER E 257 -7.32 17.00 6.72
C SER E 257 -8.39 16.08 6.12
N PHE E 258 -7.97 15.02 5.45
CA PHE E 258 -8.86 14.05 4.84
C PHE E 258 -9.60 13.31 5.92
N CYS E 259 -8.86 12.85 6.95
CA CYS E 259 -9.46 12.10 8.04
C CYS E 259 -10.46 12.96 8.81
N GLN E 260 -10.13 14.25 8.91
CA GLN E 260 -10.95 15.25 9.60
C GLN E 260 -12.23 15.52 8.84
N ASP E 261 -12.11 15.68 7.51
CA ASP E 261 -13.27 15.90 6.65
C ASP E 261 -14.27 14.75 6.74
N LEU E 262 -13.77 13.51 6.83
CA LEU E 262 -14.59 12.31 6.99
C LEU E 262 -15.40 12.38 8.28
N HIS E 263 -14.67 12.66 9.37
CA HIS E 263 -15.18 12.76 10.72
C HIS E 263 -16.31 13.74 10.85
N HIS E 264 -16.17 14.92 10.22
CA HIS E 264 -17.16 15.97 10.32
C HIS E 264 -18.42 15.79 9.48
N LYS E 265 -18.94 14.53 9.50
CA LYS E 265 -20.16 14.01 8.87
C LYS E 265 -20.13 14.25 7.36
N GLN E 276 -17.48 8.04 11.81
CA GLN E 276 -16.92 9.25 12.50
C GLN E 276 -15.47 9.03 13.05
N TYR E 277 -14.53 9.19 12.11
CA TYR E 277 -13.13 8.83 12.14
C TYR E 277 -12.24 9.46 13.15
N VAL E 278 -11.33 8.67 13.70
CA VAL E 278 -10.41 9.11 14.74
C VAL E 278 -8.98 8.75 14.37
N ILE E 279 -8.02 9.39 15.03
CA ILE E 279 -6.63 9.06 14.85
C ILE E 279 -6.21 8.20 16.00
N HIS E 280 -5.49 7.13 15.69
CA HIS E 280 -4.89 6.24 16.68
C HIS E 280 -3.71 5.48 16.06
N ASN E 281 -2.51 5.54 16.70
CA ASN E 281 -1.30 4.88 16.23
C ASN E 281 -0.99 5.07 14.76
N ASN E 282 -1.12 6.31 14.27
CA ASN E 282 -0.88 6.67 12.87
C ASN E 282 -1.84 6.05 11.85
N LYS E 283 -3.04 5.78 12.33
CA LYS E 283 -4.11 5.25 11.53
C LYS E 283 -5.31 6.14 11.68
N CYS E 284 -6.06 6.29 10.60
CA CYS E 284 -7.33 7.00 10.61
C CYS E 284 -8.36 5.88 10.67
N ILE E 285 -9.03 5.74 11.81
CA ILE E 285 -9.94 4.61 11.98
C ILE E 285 -11.36 4.95 12.38
N PRO E 286 -12.30 4.01 12.13
CA PRO E 286 -13.70 4.29 12.41
C PRO E 286 -13.98 4.72 13.84
N GLU E 287 -13.42 4.00 14.81
CA GLU E 287 -13.66 4.22 16.22
C GLU E 287 -12.46 3.98 17.08
N CYS E 288 -12.49 4.59 18.28
CA CYS E 288 -11.46 4.40 19.28
C CYS E 288 -11.46 2.97 19.77
N PRO E 289 -10.28 2.36 20.00
CA PRO E 289 -10.24 1.02 20.58
C PRO E 289 -10.49 1.07 22.08
N SER E 290 -10.66 -0.11 22.70
CA SER E 290 -10.92 -0.27 24.14
C SER E 290 -9.77 0.32 24.93
N GLY E 291 -10.14 1.08 25.96
CA GLY E 291 -9.22 1.76 26.85
C GLY E 291 -9.01 3.21 26.51
N TYR E 292 -9.57 3.64 25.37
CA TYR E 292 -9.42 4.98 24.84
C TYR E 292 -10.73 5.66 24.57
N THR E 293 -10.70 7.01 24.58
CA THR E 293 -11.82 7.91 24.27
C THR E 293 -11.27 9.00 23.40
N MET E 294 -12.14 9.63 22.63
CA MET E 294 -11.72 10.60 21.66
C MET E 294 -11.68 12.05 22.11
N ASN E 295 -10.44 12.56 22.27
CA ASN E 295 -10.12 13.98 22.50
C ASN E 295 -10.68 14.67 21.28
N SER E 296 -11.58 15.62 21.52
CA SER E 296 -12.43 16.20 20.51
C SER E 296 -11.81 17.19 19.53
N SER E 297 -10.82 17.95 20.01
CA SER E 297 -10.21 19.03 19.25
C SER E 297 -9.18 18.61 18.19
N ASN E 298 -8.80 17.33 18.17
CA ASN E 298 -7.75 16.87 17.27
C ASN E 298 -7.93 15.42 16.86
N LEU E 299 -9.16 14.90 17.00
CA LEU E 299 -9.56 13.55 16.62
C LEU E 299 -8.72 12.43 17.21
N LEU E 300 -7.93 12.73 18.21
CA LEU E 300 -7.00 11.77 18.71
C LEU E 300 -7.49 10.92 19.85
N CYS E 301 -7.39 9.60 19.69
CA CYS E 301 -7.69 8.69 20.78
C CYS E 301 -6.66 8.88 21.88
N THR E 302 -7.14 9.18 23.11
CA THR E 302 -6.34 9.29 24.33
C THR E 302 -6.85 8.25 25.32
N PRO E 303 -5.96 7.66 26.13
CA PRO E 303 -6.40 6.62 27.07
C PRO E 303 -7.23 7.16 28.19
N CYS E 304 -7.97 6.28 28.85
CA CYS E 304 -8.91 6.67 29.89
C CYS E 304 -8.34 6.87 31.26
N LEU E 305 -8.61 8.06 31.84
CA LEU E 305 -8.34 8.39 33.24
C LEU E 305 -9.52 7.66 33.94
N GLY E 306 -9.21 6.52 34.56
CA GLY E 306 -10.20 5.65 35.17
C GLY E 306 -11.03 4.95 34.11
N PRO E 307 -12.22 4.39 34.47
CA PRO E 307 -13.06 3.74 33.43
C PRO E 307 -13.45 4.67 32.29
N CYS E 308 -13.65 4.09 31.09
CA CYS E 308 -14.03 4.84 29.89
C CYS E 308 -15.48 5.27 29.94
N PRO E 309 -15.81 6.40 29.27
CA PRO E 309 -17.19 6.88 29.26
C PRO E 309 -18.18 5.87 28.70
N LYS E 310 -19.34 5.78 29.40
CA LYS E 310 -20.51 4.96 29.07
C LYS E 310 -21.74 5.47 29.82
N PHE F 2 -23.72 -21.80 6.91
CA PHE F 2 -23.44 -20.37 6.90
C PHE F 2 -24.55 -19.58 6.22
N GLU F 3 -25.39 -20.27 5.40
CA GLU F 3 -26.58 -19.71 4.74
C GLU F 3 -27.41 -18.97 5.82
N ASP F 4 -27.48 -19.61 7.01
CA ASP F 4 -28.02 -19.16 8.28
C ASP F 4 -27.54 -17.69 8.52
N TYR F 5 -26.20 -17.47 8.59
CA TYR F 5 -25.53 -16.17 8.79
C TYR F 5 -25.85 -15.25 7.65
N LEU F 6 -25.65 -15.75 6.42
CA LEU F 6 -25.88 -15.03 5.18
C LEU F 6 -27.26 -14.37 5.19
N HIS F 7 -28.33 -15.18 5.36
CA HIS F 7 -29.72 -14.73 5.39
C HIS F 7 -29.99 -13.55 6.28
N ASN F 8 -29.39 -13.51 7.45
CA ASN F 8 -29.62 -12.37 8.32
C ASN F 8 -28.97 -11.05 7.82
N VAL F 9 -27.67 -11.06 7.48
CA VAL F 9 -26.94 -9.88 6.97
C VAL F 9 -27.54 -9.39 5.65
N VAL F 10 -27.75 -10.34 4.77
CA VAL F 10 -28.24 -10.17 3.44
C VAL F 10 -29.70 -9.66 3.34
N PHE F 11 -30.61 -10.09 4.26
CA PHE F 11 -32.03 -9.68 4.25
C PHE F 11 -32.38 -8.61 5.26
N VAL F 12 -32.32 -7.33 4.79
CA VAL F 12 -32.60 -6.08 5.53
C VAL F 12 -34.12 -5.89 5.78
N PRO F 13 -34.52 -5.89 7.07
CA PRO F 13 -35.95 -5.71 7.37
C PRO F 13 -36.34 -4.25 7.25
N ARG F 14 -37.66 -4.02 7.13
CA ARG F 14 -38.42 -2.76 7.12
C ARG F 14 -37.69 -1.60 7.86
N PRO F 15 -37.79 -0.31 7.43
CA PRO F 15 -37.11 0.76 8.18
C PRO F 15 -37.55 0.83 9.65
N SER F 16 -38.88 0.75 9.93
CA SER F 16 -39.48 0.79 11.28
C SER F 16 -39.32 -0.56 12.01
#